data_1CQ3
#
_entry.id   1CQ3
#
_cell.length_a   61.699
_cell.length_b   64.423
_cell.length_c   245.288
_cell.angle_alpha   90.00
_cell.angle_beta   90.00
_cell.angle_gamma   90.00
#
_symmetry.space_group_name_H-M   'C 2 2 21'
#
loop_
_entity.id
_entity.type
_entity.pdbx_description
1 polymer 'VIRAL CHEMOKINE INHIBITOR'
2 water water
#
_entity_poly.entity_id   1
_entity_poly.type   'polypeptide(L)'
_entity_poly.pdbx_seq_one_letter_code
;DYKDDDDKQSFSSSSSCTEEENKHHMGIDVIIKVTKQDQTPTNDKICQSVTEVTESEDESEEVVKGDPTTYYTVVGGGLT
MDFGFTKCPKISSISEYSDGNTVNARLSSVSPGQGKDSPAITREEALSMIKDCEMSINIKCSEEEKDSNIKTHPVLGSNI
SHKKVSYEDIIGSTIVDTKCVKNLEISVRIGDMCKESSELEVKDGFKYVDGSASEDAADDTSLINSAKLIACV
;
_entity_poly.pdbx_strand_id   A,B
#
# COMPACT_ATOMS: atom_id res chain seq x y z
N SER A 10 -1.29 5.51 -39.64
CA SER A 10 -0.78 4.15 -39.97
C SER A 10 0.42 4.03 -39.07
N PHE A 11 0.40 4.93 -38.10
CA PHE A 11 1.48 5.12 -37.16
C PHE A 11 1.14 5.34 -35.69
N SER A 12 -0.02 5.93 -35.39
CA SER A 12 -0.34 6.14 -33.99
C SER A 12 -0.23 4.79 -33.27
N SER A 13 0.13 4.81 -32.00
CA SER A 13 0.27 3.58 -31.21
C SER A 13 -1.06 2.85 -31.12
N SER A 14 -2.16 3.61 -31.07
CA SER A 14 -3.48 3.02 -30.98
C SER A 14 -3.91 2.26 -32.24
N SER A 15 -3.29 2.59 -33.38
CA SER A 15 -3.63 1.97 -34.65
C SER A 15 -2.63 0.96 -35.21
N SER A 16 -1.39 1.01 -34.74
CA SER A 16 -0.38 0.08 -35.27
C SER A 16 0.80 -0.12 -34.35
N CYS A 17 1.39 -1.31 -34.42
CA CYS A 17 2.56 -1.66 -33.62
C CYS A 17 3.71 -0.89 -34.27
N THR A 18 4.55 -0.24 -33.48
CA THR A 18 5.65 0.51 -34.04
C THR A 18 6.69 -0.37 -34.72
N GLU A 19 7.37 0.19 -35.71
CA GLU A 19 8.40 -0.51 -36.45
C GLU A 19 9.74 0.01 -35.93
N GLU A 20 9.64 0.92 -34.98
CA GLU A 20 10.79 1.55 -34.36
C GLU A 20 11.57 0.50 -33.58
N GLU A 21 12.88 0.41 -33.82
CA GLU A 21 13.71 -0.56 -33.12
C GLU A 21 13.88 -0.18 -31.66
N ASN A 22 14.08 -1.19 -30.83
CA ASN A 22 14.25 -1.02 -29.38
C ASN A 22 13.06 -0.33 -28.73
N LYS A 23 11.89 -0.45 -29.34
CA LYS A 23 10.66 0.13 -28.78
C LYS A 23 9.65 -1.00 -28.67
N HIS A 24 9.00 -1.09 -27.52
CA HIS A 24 8.05 -2.17 -27.27
C HIS A 24 6.73 -1.69 -26.67
N HIS A 25 5.63 -2.24 -27.18
CA HIS A 25 4.32 -1.89 -26.68
C HIS A 25 4.04 -2.79 -25.47
N MET A 26 4.66 -2.44 -24.34
CA MET A 26 4.51 -3.22 -23.11
C MET A 26 3.13 -3.12 -22.49
N GLY A 27 2.64 -4.24 -21.99
CA GLY A 27 1.34 -4.25 -21.35
C GLY A 27 1.31 -5.24 -20.22
N ILE A 28 0.26 -5.17 -19.40
CA ILE A 28 0.08 -6.08 -18.29
C ILE A 28 -1.26 -6.80 -18.51
N ASP A 29 -1.35 -8.04 -18.07
CA ASP A 29 -2.57 -8.82 -18.23
C ASP A 29 -2.77 -9.62 -16.95
N VAL A 30 -3.88 -9.36 -16.28
CA VAL A 30 -4.22 -10.00 -15.01
C VAL A 30 -5.45 -10.90 -15.09
N ILE A 31 -5.28 -12.15 -14.67
CA ILE A 31 -6.39 -13.09 -14.67
C ILE A 31 -6.71 -13.43 -13.22
N ILE A 32 -7.99 -13.36 -12.86
CA ILE A 32 -8.45 -13.64 -11.51
C ILE A 32 -9.56 -14.68 -11.52
N LYS A 33 -9.42 -15.72 -10.69
CA LYS A 33 -10.45 -16.75 -10.59
C LYS A 33 -10.77 -16.96 -9.11
N VAL A 34 -12.01 -16.63 -8.74
CA VAL A 34 -12.45 -16.78 -7.36
C VAL A 34 -13.52 -17.85 -7.25
N THR A 35 -13.31 -18.79 -6.34
CA THR A 35 -14.31 -19.83 -6.10
C THR A 35 -14.93 -19.44 -4.76
N LYS A 36 -16.22 -19.14 -4.78
CA LYS A 36 -16.94 -18.72 -3.57
C LYS A 36 -17.25 -19.89 -2.64
N GLN A 37 -17.46 -19.56 -1.36
CA GLN A 37 -17.79 -20.56 -0.33
C GLN A 37 -19.14 -21.21 -0.62
N ASP A 38 -19.32 -22.42 -0.09
CA ASP A 38 -20.56 -23.18 -0.30
C ASP A 38 -21.86 -22.43 0.01
N GLN A 39 -21.95 -21.85 1.20
CA GLN A 39 -23.15 -21.14 1.62
C GLN A 39 -23.21 -19.68 1.24
N THR A 40 -22.46 -19.28 0.22
CA THR A 40 -22.49 -17.88 -0.19
C THR A 40 -23.77 -17.75 -1.00
N PRO A 41 -24.57 -16.70 -0.76
CA PRO A 41 -25.82 -16.51 -1.49
C PRO A 41 -25.56 -16.40 -2.99
N THR A 42 -26.42 -17.01 -3.80
CA THR A 42 -26.27 -16.95 -5.25
C THR A 42 -26.26 -15.51 -5.76
N ASN A 43 -25.32 -15.21 -6.64
CA ASN A 43 -25.21 -13.88 -7.23
C ASN A 43 -24.31 -14.01 -8.46
N ASP A 44 -24.92 -14.00 -9.64
CA ASP A 44 -24.17 -14.12 -10.88
C ASP A 44 -24.19 -12.82 -11.67
N LYS A 45 -24.55 -11.73 -11.01
CA LYS A 45 -24.59 -10.42 -11.65
C LYS A 45 -23.21 -9.80 -11.62
N ILE A 46 -22.45 -10.03 -12.69
CA ILE A 46 -21.10 -9.50 -12.79
C ILE A 46 -21.08 -8.11 -13.39
N CYS A 47 -19.91 -7.47 -13.38
CA CYS A 47 -19.77 -6.13 -13.95
C CYS A 47 -20.79 -5.15 -13.42
N GLN A 48 -21.08 -5.19 -12.11
CA GLN A 48 -22.06 -4.25 -11.57
C GLN A 48 -21.52 -2.84 -11.56
N SER A 49 -20.21 -2.71 -11.36
CA SER A 49 -19.58 -1.40 -11.37
C SER A 49 -18.06 -1.47 -11.37
N VAL A 50 -17.45 -0.48 -12.00
CA VAL A 50 -16.01 -0.38 -12.07
C VAL A 50 -15.66 1.04 -11.68
N THR A 51 -14.83 1.18 -10.66
CA THR A 51 -14.42 2.51 -10.22
C THR A 51 -12.90 2.61 -10.30
N GLU A 52 -12.43 3.62 -11.00
CA GLU A 52 -11.01 3.86 -11.17
C GLU A 52 -10.64 5.16 -10.47
N VAL A 53 -9.53 5.12 -9.73
CA VAL A 53 -9.05 6.28 -8.99
C VAL A 53 -7.53 6.24 -8.98
N THR A 54 -6.89 7.35 -9.38
CA THR A 54 -5.43 7.40 -9.39
C THR A 54 -4.94 8.49 -8.45
N GLU A 55 -4.00 8.12 -7.59
CA GLU A 55 -3.45 9.07 -6.63
C GLU A 55 -2.86 10.29 -7.36
N SER A 56 -3.15 11.48 -6.83
CA SER A 56 -2.66 12.74 -7.39
C SER A 56 -3.49 13.28 -8.55
N GLU A 57 -4.54 12.57 -8.92
CA GLU A 57 -5.41 13.04 -10.00
C GLU A 57 -6.09 14.32 -9.53
N ASP A 58 -6.63 14.31 -8.31
CA ASP A 58 -7.28 15.50 -7.78
C ASP A 58 -6.30 16.66 -7.74
N GLU A 59 -6.81 17.85 -8.02
CA GLU A 59 -5.99 19.06 -8.03
C GLU A 59 -5.26 19.32 -6.72
N SER A 60 -5.94 19.06 -5.61
CA SER A 60 -5.34 19.32 -4.30
C SER A 60 -4.49 18.18 -3.74
N GLU A 61 -4.58 16.99 -4.34
CA GLU A 61 -3.82 15.85 -3.85
C GLU A 61 -2.43 15.72 -4.47
N GLU A 62 -1.42 15.68 -3.61
CA GLU A 62 -0.03 15.60 -4.06
C GLU A 62 0.72 14.38 -3.55
N VAL A 63 1.18 13.53 -4.46
CA VAL A 63 1.96 12.37 -4.08
C VAL A 63 3.37 12.94 -3.96
N VAL A 64 3.88 12.98 -2.73
CA VAL A 64 5.21 13.53 -2.43
C VAL A 64 6.31 12.49 -2.56
N LYS A 65 6.06 11.30 -2.03
CA LYS A 65 7.03 10.22 -2.09
C LYS A 65 6.29 8.98 -2.57
N GLY A 66 6.97 8.17 -3.38
CA GLY A 66 6.34 6.97 -3.91
C GLY A 66 5.75 7.30 -5.27
N ASP A 67 5.29 6.28 -5.99
CA ASP A 67 4.70 6.48 -7.30
C ASP A 67 3.18 6.43 -7.22
N PRO A 68 2.49 7.17 -8.11
CA PRO A 68 1.03 7.17 -8.10
C PRO A 68 0.41 5.81 -8.41
N THR A 69 -0.49 5.39 -7.52
CA THR A 69 -1.17 4.12 -7.68
C THR A 69 -2.56 4.34 -8.28
N THR A 70 -2.94 3.47 -9.21
CA THR A 70 -4.27 3.54 -9.81
C THR A 70 -5.04 2.39 -9.20
N TYR A 71 -6.20 2.70 -8.60
CA TYR A 71 -7.02 1.68 -7.97
C TYR A 71 -8.28 1.38 -8.77
N TYR A 72 -8.63 0.10 -8.85
CA TYR A 72 -9.82 -0.33 -9.54
C TYR A 72 -10.68 -1.15 -8.59
N THR A 73 -11.93 -0.73 -8.41
CA THR A 73 -12.86 -1.47 -7.56
C THR A 73 -13.88 -2.11 -8.52
N VAL A 74 -13.86 -3.43 -8.62
CA VAL A 74 -14.76 -4.16 -9.50
C VAL A 74 -15.79 -4.96 -8.71
N VAL A 75 -17.02 -4.44 -8.68
CA VAL A 75 -18.12 -5.08 -7.96
C VAL A 75 -18.88 -6.01 -8.89
N GLY A 76 -19.06 -7.26 -8.47
CA GLY A 76 -19.79 -8.20 -9.29
C GLY A 76 -19.76 -9.62 -8.76
N GLY A 77 -20.84 -10.36 -9.03
CA GLY A 77 -20.93 -11.74 -8.59
C GLY A 77 -20.77 -12.00 -7.10
N GLY A 78 -21.24 -11.07 -6.27
CA GLY A 78 -21.14 -11.24 -4.84
C GLY A 78 -19.78 -10.88 -4.27
N LEU A 79 -18.95 -10.24 -5.10
CA LEU A 79 -17.62 -9.86 -4.67
C LEU A 79 -17.26 -8.43 -5.07
N THR A 80 -16.39 -7.82 -4.28
CA THR A 80 -15.89 -6.48 -4.58
C THR A 80 -14.39 -6.69 -4.62
N MET A 81 -13.82 -6.58 -5.81
CA MET A 81 -12.38 -6.78 -5.98
C MET A 81 -11.66 -5.44 -6.11
N ASP A 82 -10.75 -5.19 -5.18
CA ASP A 82 -10.00 -3.95 -5.21
C ASP A 82 -8.57 -4.22 -5.67
N PHE A 83 -8.19 -3.60 -6.77
CA PHE A 83 -6.85 -3.74 -7.32
C PHE A 83 -6.10 -2.43 -7.14
N GLY A 84 -4.78 -2.55 -7.03
CA GLY A 84 -3.93 -1.40 -6.90
C GLY A 84 -2.71 -1.59 -7.78
N PHE A 85 -2.61 -0.78 -8.82
CA PHE A 85 -1.50 -0.87 -9.75
C PHE A 85 -0.56 0.32 -9.63
N THR A 86 0.72 0.01 -9.43
CA THR A 86 1.76 1.02 -9.27
C THR A 86 2.92 0.72 -10.18
N LYS A 87 3.25 1.65 -11.07
CA LYS A 87 4.37 1.47 -11.97
C LYS A 87 4.12 0.41 -13.01
N CYS A 88 2.85 0.20 -13.35
CA CYS A 88 2.46 -0.80 -14.33
C CYS A 88 1.86 -0.17 -15.55
N PRO A 89 1.93 -0.90 -16.69
CA PRO A 89 1.34 -0.36 -17.91
C PRO A 89 -0.16 -0.14 -17.62
N LYS A 90 -0.76 0.77 -18.36
CA LYS A 90 -2.16 1.14 -18.24
C LYS A 90 -3.15 0.04 -18.49
N ILE A 91 -4.20 0.01 -17.67
CA ILE A 91 -5.28 -0.96 -17.81
C ILE A 91 -6.34 -0.29 -18.68
N SER A 92 -6.76 -0.95 -19.75
CA SER A 92 -7.78 -0.39 -20.63
C SER A 92 -8.93 -1.34 -20.90
N SER A 93 -8.85 -2.53 -20.32
CA SER A 93 -9.88 -3.53 -20.50
C SER A 93 -10.17 -4.28 -19.21
N ILE A 94 -11.42 -4.25 -18.77
CA ILE A 94 -11.83 -4.95 -17.57
C ILE A 94 -13.07 -5.79 -17.91
N SER A 95 -13.00 -7.09 -17.63
CA SER A 95 -14.11 -7.96 -17.93
C SER A 95 -14.35 -9.03 -16.87
N GLU A 96 -15.55 -9.59 -16.89
CA GLU A 96 -15.91 -10.62 -15.92
C GLU A 96 -16.93 -11.58 -16.48
N TYR A 97 -17.08 -12.72 -15.82
CA TYR A 97 -18.07 -13.70 -16.16
C TYR A 97 -18.27 -14.60 -14.96
N SER A 98 -19.50 -15.04 -14.78
CA SER A 98 -19.87 -15.90 -13.68
C SER A 98 -20.02 -17.30 -14.25
N ASP A 99 -19.63 -18.30 -13.47
CA ASP A 99 -19.71 -19.68 -13.90
C ASP A 99 -19.87 -20.54 -12.64
N GLY A 100 -21.08 -21.03 -12.42
CA GLY A 100 -21.32 -21.83 -11.24
C GLY A 100 -21.05 -20.99 -10.01
N ASN A 101 -20.21 -21.47 -9.10
CA ASN A 101 -19.92 -20.70 -7.90
C ASN A 101 -18.60 -19.95 -8.06
N THR A 102 -18.22 -19.66 -9.30
CA THR A 102 -16.98 -18.94 -9.53
C THR A 102 -17.22 -17.60 -10.21
N VAL A 103 -16.34 -16.65 -9.91
CA VAL A 103 -16.40 -15.33 -10.50
C VAL A 103 -15.02 -15.17 -11.12
N ASN A 104 -14.99 -14.86 -12.40
CA ASN A 104 -13.72 -14.71 -13.11
C ASN A 104 -13.58 -13.30 -13.66
N ALA A 105 -12.34 -12.80 -13.67
CA ALA A 105 -12.10 -11.46 -14.17
C ALA A 105 -10.74 -11.35 -14.85
N ARG A 106 -10.66 -10.39 -15.75
CA ARG A 106 -9.44 -10.12 -16.49
C ARG A 106 -9.30 -8.61 -16.67
N LEU A 107 -8.17 -8.09 -16.23
CA LEU A 107 -7.87 -6.66 -16.34
C LEU A 107 -6.58 -6.60 -17.13
N SER A 108 -6.55 -5.82 -18.20
CA SER A 108 -5.34 -5.75 -18.99
C SER A 108 -5.20 -4.48 -19.81
N SER A 109 -4.01 -4.32 -20.37
CA SER A 109 -3.72 -3.20 -21.25
C SER A 109 -4.32 -3.70 -22.58
N VAL A 110 -4.37 -2.84 -23.58
CA VAL A 110 -4.91 -3.25 -24.86
C VAL A 110 -3.83 -3.11 -25.92
N SER A 111 -3.70 -4.12 -26.79
CA SER A 111 -2.68 -4.08 -27.83
C SER A 111 -3.06 -3.07 -28.91
N PRO A 112 -2.08 -2.60 -29.70
CA PRO A 112 -2.31 -1.62 -30.76
C PRO A 112 -3.33 -2.10 -31.80
N GLY A 113 -4.03 -1.15 -32.42
CA GLY A 113 -4.99 -1.49 -33.45
C GLY A 113 -6.40 -1.71 -32.95
N GLN A 114 -6.69 -1.31 -31.71
CA GLN A 114 -8.03 -1.49 -31.17
C GLN A 114 -8.64 -0.19 -30.67
N GLY A 115 -8.09 0.93 -31.10
CA GLY A 115 -8.64 2.22 -30.70
C GLY A 115 -8.27 2.66 -29.30
N LYS A 116 -7.35 1.93 -28.68
CA LYS A 116 -6.89 2.26 -27.35
C LYS A 116 -5.43 2.61 -27.45
N ASP A 117 -5.02 3.70 -26.85
CA ASP A 117 -3.63 4.05 -26.94
C ASP A 117 -2.86 2.94 -26.25
N SER A 118 -1.79 2.54 -26.90
CA SER A 118 -0.90 1.50 -26.42
C SER A 118 0.49 2.07 -26.66
N PRO A 119 0.96 2.93 -25.75
CA PRO A 119 2.27 3.58 -25.82
C PRO A 119 3.40 2.56 -25.93
N ALA A 120 4.42 2.88 -26.71
CA ALA A 120 5.56 1.99 -26.87
C ALA A 120 6.72 2.63 -26.12
N ILE A 121 7.43 1.82 -25.34
CA ILE A 121 8.56 2.32 -24.56
C ILE A 121 9.85 1.61 -24.97
N THR A 122 10.97 2.20 -24.56
CA THR A 122 12.29 1.65 -24.87
C THR A 122 12.53 0.36 -24.07
N ARG A 123 13.50 -0.41 -24.54
CA ARG A 123 13.89 -1.66 -23.88
C ARG A 123 14.35 -1.36 -22.45
N GLU A 124 15.05 -0.24 -22.28
CA GLU A 124 15.54 0.16 -20.97
C GLU A 124 14.39 0.37 -20.00
N GLU A 125 13.42 1.19 -20.39
CA GLU A 125 12.26 1.46 -19.55
C GLU A 125 11.48 0.18 -19.29
N ALA A 126 11.40 -0.68 -20.30
CA ALA A 126 10.69 -1.94 -20.16
C ALA A 126 11.30 -2.74 -19.01
N LEU A 127 12.63 -2.89 -19.03
CA LEU A 127 13.33 -3.64 -18.01
C LEU A 127 13.09 -3.06 -16.61
N SER A 128 13.02 -1.74 -16.51
CA SER A 128 12.79 -1.08 -15.23
C SER A 128 11.36 -1.30 -14.76
N MET A 129 10.42 -1.15 -15.68
CA MET A 129 9.00 -1.32 -15.37
C MET A 129 8.70 -2.75 -14.94
N ILE A 130 9.32 -3.71 -15.63
CA ILE A 130 9.11 -5.12 -15.33
C ILE A 130 9.48 -5.43 -13.89
N LYS A 131 10.48 -4.73 -13.36
CA LYS A 131 10.91 -4.94 -11.99
C LYS A 131 10.09 -4.15 -10.98
N ASP A 132 9.71 -2.92 -11.35
CA ASP A 132 8.96 -2.06 -10.45
C ASP A 132 7.45 -2.25 -10.32
N CYS A 133 6.79 -2.57 -11.42
CA CYS A 133 5.34 -2.76 -11.41
C CYS A 133 4.89 -3.68 -10.27
N GLU A 134 3.89 -3.23 -9.51
CA GLU A 134 3.36 -4.01 -8.39
C GLU A 134 1.84 -3.91 -8.37
N MET A 135 1.18 -5.04 -8.12
CA MET A 135 -0.28 -5.06 -8.07
C MET A 135 -0.76 -5.63 -6.73
N SER A 136 -1.65 -4.90 -6.08
CA SER A 136 -2.21 -5.36 -4.82
C SER A 136 -3.64 -5.79 -5.09
N ILE A 137 -4.14 -6.73 -4.29
CA ILE A 137 -5.50 -7.20 -4.45
C ILE A 137 -6.15 -7.47 -3.11
N ASN A 138 -7.39 -7.01 -2.99
CA ASN A 138 -8.18 -7.16 -1.78
C ASN A 138 -9.57 -7.54 -2.24
N ILE A 139 -10.01 -8.74 -1.91
CA ILE A 139 -11.34 -9.21 -2.31
C ILE A 139 -12.26 -9.36 -1.11
N LYS A 140 -13.37 -8.62 -1.14
CA LYS A 140 -14.33 -8.66 -0.05
C LYS A 140 -15.69 -9.12 -0.55
N CYS A 141 -16.57 -9.50 0.36
CA CYS A 141 -17.90 -9.95 -0.02
C CYS A 141 -18.71 -8.73 -0.47
N SER A 142 -19.65 -8.97 -1.38
CA SER A 142 -20.53 -7.91 -1.84
C SER A 142 -21.97 -8.40 -1.77
N GLU A 143 -22.86 -7.51 -1.36
CA GLU A 143 -24.28 -7.80 -1.22
C GLU A 143 -25.04 -7.06 -2.33
N GLU A 144 -24.31 -6.44 -3.24
CA GLU A 144 -24.90 -5.68 -4.34
C GLU A 144 -25.86 -6.51 -5.19
N GLU A 145 -27.11 -6.07 -5.28
CA GLU A 145 -28.11 -6.77 -6.09
C GLU A 145 -28.44 -6.04 -7.38
N LYS A 146 -27.69 -4.98 -7.63
CA LYS A 146 -27.82 -4.15 -8.83
C LYS A 146 -27.57 -4.96 -10.10
N ASP A 147 -28.30 -4.62 -11.17
CA ASP A 147 -28.13 -5.30 -12.47
C ASP A 147 -26.73 -5.05 -13.01
N SER A 148 -26.28 -5.92 -13.90
CA SER A 148 -24.96 -5.77 -14.51
C SER A 148 -24.96 -4.56 -15.44
N ASN A 149 -23.80 -3.95 -15.61
CA ASN A 149 -23.65 -2.81 -16.50
C ASN A 149 -22.54 -3.25 -17.45
N ILE A 150 -22.93 -3.83 -18.58
CA ILE A 150 -21.96 -4.33 -19.54
C ILE A 150 -22.01 -3.76 -20.95
N LYS A 151 -20.98 -4.09 -21.73
CA LYS A 151 -20.82 -3.70 -23.13
C LYS A 151 -21.04 -4.98 -23.95
N THR A 152 -21.62 -4.87 -25.15
CA THR A 152 -21.85 -6.05 -25.98
C THR A 152 -20.61 -6.30 -26.85
N HIS A 153 -19.87 -5.20 -27.05
CA HIS A 153 -18.63 -5.20 -27.81
C HIS A 153 -17.73 -6.31 -27.34
N PRO A 154 -16.96 -6.92 -28.25
CA PRO A 154 -16.06 -8.01 -27.85
C PRO A 154 -15.04 -7.43 -26.87
N VAL A 155 -14.59 -8.24 -25.93
CA VAL A 155 -13.59 -7.79 -24.95
C VAL A 155 -12.28 -7.47 -25.67
N LEU A 156 -11.73 -6.29 -25.43
CA LEU A 156 -10.47 -5.92 -26.07
C LEU A 156 -9.32 -6.62 -25.37
N GLY A 157 -8.39 -7.16 -26.16
CA GLY A 157 -7.28 -7.89 -25.58
C GLY A 157 -5.92 -7.22 -25.55
N SER A 158 -4.99 -7.87 -24.86
CA SER A 158 -3.63 -7.38 -24.71
C SER A 158 -2.70 -8.13 -25.67
N ASN A 159 -3.15 -9.29 -26.11
CA ASN A 159 -2.40 -10.16 -27.01
C ASN A 159 -1.24 -10.81 -26.25
N ILE A 160 -1.39 -10.90 -24.93
CA ILE A 160 -0.37 -11.51 -24.08
C ILE A 160 -0.86 -12.87 -23.59
N SER A 161 -0.08 -13.90 -23.88
CA SER A 161 -0.43 -15.26 -23.49
C SER A 161 0.07 -15.58 -22.09
N HIS A 162 -0.75 -16.29 -21.30
CA HIS A 162 -0.36 -16.64 -19.94
C HIS A 162 0.39 -17.97 -19.84
N LYS A 163 1.28 -18.19 -20.80
CA LYS A 163 2.10 -19.38 -20.84
C LYS A 163 3.21 -19.15 -19.81
N LYS A 164 3.96 -20.19 -19.48
CA LYS A 164 5.05 -20.03 -18.53
C LYS A 164 6.18 -19.26 -19.19
N VAL A 165 6.71 -18.29 -18.46
CA VAL A 165 7.82 -17.47 -18.94
C VAL A 165 8.65 -17.14 -17.70
N SER A 166 9.61 -16.23 -17.81
CA SER A 166 10.45 -15.87 -16.67
C SER A 166 9.59 -15.37 -15.50
N TYR A 167 9.90 -15.85 -14.30
CA TYR A 167 9.18 -15.45 -13.10
C TYR A 167 9.64 -14.07 -12.61
N GLU A 168 8.71 -13.33 -12.02
CA GLU A 168 8.97 -12.02 -11.47
C GLU A 168 7.95 -11.78 -10.36
N ASP A 169 8.40 -11.25 -9.23
CA ASP A 169 7.47 -10.97 -8.15
C ASP A 169 6.72 -9.71 -8.54
N ILE A 170 5.46 -9.86 -8.89
CA ILE A 170 4.64 -8.74 -9.32
C ILE A 170 3.50 -8.51 -8.36
N ILE A 171 2.86 -9.60 -7.94
CA ILE A 171 1.74 -9.50 -7.02
C ILE A 171 2.21 -9.08 -5.64
N GLY A 172 1.58 -8.04 -5.11
CA GLY A 172 1.94 -7.56 -3.79
C GLY A 172 0.95 -8.05 -2.75
N SER A 173 0.51 -7.14 -1.88
CA SER A 173 -0.45 -7.47 -0.83
C SER A 173 -1.69 -8.14 -1.40
N THR A 174 -2.03 -9.29 -0.83
CA THR A 174 -3.21 -10.05 -1.26
C THR A 174 -4.02 -10.37 -0.02
N ILE A 175 -5.24 -9.84 0.04
CA ILE A 175 -6.13 -10.05 1.17
C ILE A 175 -7.51 -10.51 0.69
N VAL A 176 -8.12 -11.45 1.42
CA VAL A 176 -9.45 -11.94 1.04
C VAL A 176 -10.36 -12.09 2.25
N ASP A 177 -11.67 -12.09 2.01
CA ASP A 177 -12.64 -12.28 3.07
C ASP A 177 -13.08 -13.74 2.91
N THR A 178 -12.67 -14.59 3.86
CA THR A 178 -12.99 -16.01 3.79
C THR A 178 -14.47 -16.36 3.91
N LYS A 179 -15.28 -15.36 4.24
CA LYS A 179 -16.71 -15.56 4.37
C LYS A 179 -17.31 -15.89 3.00
N CYS A 180 -16.69 -15.40 1.94
CA CYS A 180 -17.19 -15.68 0.59
C CYS A 180 -16.09 -16.16 -0.36
N VAL A 181 -14.82 -15.96 0.00
CA VAL A 181 -13.73 -16.42 -0.85
C VAL A 181 -13.21 -17.77 -0.35
N LYS A 182 -13.38 -18.81 -1.14
CA LYS A 182 -12.91 -20.14 -0.75
C LYS A 182 -11.58 -20.37 -1.45
N ASN A 183 -11.56 -20.17 -2.76
CA ASN A 183 -10.34 -20.34 -3.55
C ASN A 183 -10.07 -19.03 -4.28
N LEU A 184 -8.80 -18.74 -4.51
CA LEU A 184 -8.39 -17.56 -5.25
C LEU A 184 -7.18 -17.97 -6.06
N GLU A 185 -7.29 -17.81 -7.38
CA GLU A 185 -6.19 -18.15 -8.27
C GLU A 185 -5.94 -16.93 -9.11
N ILE A 186 -4.66 -16.58 -9.26
CA ILE A 186 -4.33 -15.41 -10.01
C ILE A 186 -3.06 -15.58 -10.85
N SER A 187 -3.08 -14.98 -12.03
CA SER A 187 -1.95 -15.04 -12.94
C SER A 187 -1.75 -13.64 -13.49
N VAL A 188 -0.52 -13.14 -13.46
CA VAL A 188 -0.21 -11.82 -13.98
C VAL A 188 0.98 -11.92 -14.91
N ARG A 189 0.81 -11.36 -16.10
CA ARG A 189 1.84 -11.35 -17.11
C ARG A 189 2.15 -9.92 -17.54
N ILE A 190 3.41 -9.66 -17.81
CA ILE A 190 3.82 -8.35 -18.31
C ILE A 190 4.62 -8.73 -19.55
N GLY A 191 4.35 -8.07 -20.67
CA GLY A 191 5.07 -8.40 -21.88
C GLY A 191 4.82 -7.51 -23.07
N ASP A 192 5.46 -7.87 -24.18
CA ASP A 192 5.34 -7.13 -25.43
C ASP A 192 4.02 -7.55 -26.08
N MET A 193 3.11 -6.59 -26.28
CA MET A 193 1.81 -6.90 -26.87
C MET A 193 1.78 -7.07 -28.37
N CYS A 194 2.90 -6.82 -29.03
CA CYS A 194 2.97 -6.97 -30.47
C CYS A 194 3.72 -8.22 -30.89
N LYS A 195 4.80 -8.51 -30.19
CA LYS A 195 5.62 -9.70 -30.47
C LYS A 195 6.40 -10.08 -29.20
N GLU A 196 6.25 -11.31 -28.75
CA GLU A 196 6.97 -11.73 -27.55
C GLU A 196 8.46 -11.52 -27.68
N SER A 197 9.02 -10.78 -26.73
CA SER A 197 10.45 -10.50 -26.67
C SER A 197 10.86 -11.12 -25.35
N SER A 198 11.43 -12.31 -25.42
CA SER A 198 11.85 -13.07 -24.24
C SER A 198 12.34 -12.29 -23.01
N GLU A 199 13.41 -11.54 -23.13
CA GLU A 199 13.92 -10.77 -22.01
C GLU A 199 12.86 -9.85 -21.39
N LEU A 200 11.81 -9.55 -22.15
CA LEU A 200 10.75 -8.67 -21.68
C LEU A 200 9.46 -9.35 -21.26
N GLU A 201 9.47 -10.68 -21.20
CA GLU A 201 8.27 -11.41 -20.82
C GLU A 201 8.41 -11.97 -19.40
N VAL A 202 7.55 -11.53 -18.50
CA VAL A 202 7.60 -12.04 -17.13
C VAL A 202 6.21 -12.48 -16.66
N LYS A 203 6.19 -13.25 -15.59
CA LYS A 203 4.95 -13.76 -15.05
C LYS A 203 5.00 -14.08 -13.57
N ASP A 204 3.87 -13.82 -12.90
CA ASP A 204 3.74 -14.11 -11.47
C ASP A 204 2.40 -14.81 -11.33
N GLY A 205 2.18 -15.46 -10.20
CA GLY A 205 0.91 -16.12 -9.99
C GLY A 205 0.95 -17.01 -8.77
N PHE A 206 -0.20 -17.26 -8.19
CA PHE A 206 -0.26 -18.14 -7.03
C PHE A 206 -1.67 -18.70 -6.93
N LYS A 207 -1.81 -19.76 -6.16
CA LYS A 207 -3.08 -20.43 -5.97
C LYS A 207 -3.37 -20.49 -4.48
N TYR A 208 -4.61 -20.16 -4.12
CA TYR A 208 -5.05 -20.19 -2.73
C TYR A 208 -6.27 -21.11 -2.72
N VAL A 209 -6.13 -22.26 -2.08
CA VAL A 209 -7.21 -23.23 -2.02
C VAL A 209 -7.69 -23.50 -0.60
N ASP A 210 -8.88 -22.99 -0.29
CA ASP A 210 -9.49 -23.17 1.02
C ASP A 210 -8.51 -22.90 2.17
N GLY A 211 -7.71 -21.84 2.04
CA GLY A 211 -6.76 -21.51 3.09
C GLY A 211 -5.28 -21.73 2.80
N SER A 212 -4.98 -22.68 1.92
CA SER A 212 -3.60 -22.98 1.55
C SER A 212 -3.16 -22.29 0.26
N ALA A 213 -2.04 -21.57 0.33
CA ALA A 213 -1.49 -20.87 -0.83
C ALA A 213 -0.21 -21.53 -1.34
N SER A 214 -0.09 -21.62 -2.66
CA SER A 214 1.07 -22.22 -3.32
C SER A 214 1.46 -21.30 -4.49
N GLU A 215 2.74 -21.27 -4.85
CA GLU A 215 3.25 -20.42 -5.93
C GLU A 215 3.91 -21.12 -7.08
N ASP A 216 3.57 -22.38 -7.30
CA ASP A 216 4.18 -23.12 -8.38
C ASP A 216 3.89 -22.48 -9.73
N ALA A 217 4.92 -22.24 -10.52
CA ALA A 217 4.75 -21.64 -11.84
C ALA A 217 3.93 -22.59 -12.69
N ALA A 218 3.05 -22.04 -13.52
CA ALA A 218 2.22 -22.91 -14.34
C ALA A 218 1.73 -22.22 -15.61
N ASP A 219 1.26 -23.03 -16.54
CA ASP A 219 0.73 -22.54 -17.79
C ASP A 219 -0.71 -22.16 -17.45
N ASP A 220 -1.00 -20.86 -17.47
CA ASP A 220 -2.34 -20.38 -17.14
C ASP A 220 -3.12 -19.89 -18.36
N THR A 221 -2.78 -20.41 -19.52
CA THR A 221 -3.45 -20.03 -20.75
C THR A 221 -4.94 -20.38 -20.66
N SER A 222 -5.29 -21.32 -19.79
CA SER A 222 -6.68 -21.72 -19.61
C SER A 222 -7.14 -21.69 -18.16
N LEU A 223 -6.51 -20.85 -17.35
CA LEU A 223 -6.89 -20.73 -15.95
C LEU A 223 -8.37 -20.39 -15.94
N ILE A 224 -8.77 -19.47 -16.80
CA ILE A 224 -10.17 -19.11 -16.94
C ILE A 224 -10.47 -19.26 -18.42
N ASN A 225 -11.74 -19.19 -18.77
CA ASN A 225 -12.16 -19.32 -20.16
C ASN A 225 -12.44 -17.92 -20.73
N SER A 226 -11.45 -17.34 -21.39
CA SER A 226 -11.58 -16.00 -21.95
C SER A 226 -12.76 -15.79 -22.90
N ALA A 227 -13.17 -16.84 -23.59
CA ALA A 227 -14.29 -16.75 -24.52
C ALA A 227 -15.58 -16.34 -23.82
N LYS A 228 -15.63 -16.51 -22.51
CA LYS A 228 -16.81 -16.17 -21.73
C LYS A 228 -16.79 -14.79 -21.08
N LEU A 229 -15.67 -14.09 -21.20
CA LEU A 229 -15.54 -12.77 -20.61
C LEU A 229 -16.51 -11.74 -21.21
N ILE A 230 -17.07 -10.92 -20.34
CA ILE A 230 -18.00 -9.87 -20.73
C ILE A 230 -17.38 -8.54 -20.29
N ALA A 231 -17.30 -7.59 -21.22
CA ALA A 231 -16.71 -6.30 -20.90
C ALA A 231 -17.56 -5.50 -19.91
N CYS A 232 -16.92 -5.07 -18.83
CA CYS A 232 -17.59 -4.25 -17.82
C CYS A 232 -17.45 -2.83 -18.35
N VAL A 233 -18.35 -1.93 -17.94
CA VAL A 233 -18.25 -0.57 -18.42
C VAL A 233 -17.83 0.44 -17.36
N SER B 10 11.22 -8.49 37.82
CA SER B 10 12.51 -7.83 37.51
C SER B 10 13.08 -8.42 36.22
N PHE B 11 12.22 -9.14 35.50
CA PHE B 11 12.64 -9.80 34.28
C PHE B 11 11.75 -9.65 33.04
N SER B 12 10.52 -9.16 33.18
CA SER B 12 9.65 -8.99 32.01
C SER B 12 10.20 -7.83 31.17
N SER B 13 9.98 -7.89 29.86
CA SER B 13 10.47 -6.84 28.96
C SER B 13 9.85 -5.50 29.34
N SER B 14 8.57 -5.51 29.70
CA SER B 14 7.89 -4.28 30.07
C SER B 14 8.46 -3.65 31.34
N SER B 15 9.20 -4.45 32.12
CA SER B 15 9.78 -3.96 33.36
C SER B 15 11.29 -3.70 33.33
N SER B 16 11.99 -4.27 32.36
CA SER B 16 13.43 -4.08 32.33
C SER B 16 14.09 -4.46 31.00
N CYS B 17 15.21 -3.81 30.70
CA CYS B 17 15.96 -4.12 29.49
C CYS B 17 16.65 -5.45 29.79
N THR B 18 16.62 -6.36 28.82
CA THR B 18 17.26 -7.66 29.00
C THR B 18 18.78 -7.50 28.99
N GLU B 19 19.47 -8.43 29.64
CA GLU B 19 20.94 -8.42 29.65
C GLU B 19 21.36 -9.58 28.76
N GLU B 20 20.38 -10.21 28.15
CA GLU B 20 20.64 -11.34 27.27
C GLU B 20 21.47 -10.82 26.09
N GLU B 21 22.51 -11.56 25.75
CA GLU B 21 23.39 -11.15 24.66
C GLU B 21 22.77 -11.41 23.30
N ASN B 22 23.00 -10.49 22.37
CA ASN B 22 22.48 -10.59 21.01
C ASN B 22 20.97 -10.38 21.00
N LYS B 23 20.46 -9.78 22.06
CA LYS B 23 19.03 -9.48 22.19
C LYS B 23 18.89 -7.96 22.21
N HIS B 24 17.91 -7.45 21.47
CA HIS B 24 17.71 -6.01 21.37
C HIS B 24 16.26 -5.54 21.41
N HIS B 25 15.98 -4.59 22.28
CA HIS B 25 14.64 -4.03 22.39
C HIS B 25 14.50 -2.99 21.28
N MET B 26 14.25 -3.47 20.06
CA MET B 26 14.11 -2.61 18.90
C MET B 26 12.80 -1.85 18.89
N GLY B 27 12.87 -0.56 18.55
CA GLY B 27 11.68 0.25 18.51
C GLY B 27 11.73 1.21 17.32
N ILE B 28 10.59 1.80 17.01
CA ILE B 28 10.51 2.77 15.93
C ILE B 28 10.00 4.07 16.56
N ASP B 29 10.42 5.19 15.99
CA ASP B 29 10.01 6.49 16.52
C ASP B 29 9.79 7.42 15.33
N VAL B 30 8.56 7.90 15.21
CA VAL B 30 8.18 8.77 14.12
C VAL B 30 7.80 10.16 14.59
N ILE B 31 8.43 11.18 14.00
CA ILE B 31 8.14 12.56 14.34
C ILE B 31 7.56 13.26 13.13
N ILE B 32 6.41 13.90 13.31
CA ILE B 32 5.72 14.59 12.23
C ILE B 32 5.51 16.06 12.54
N LYS B 33 5.81 16.93 11.58
CA LYS B 33 5.58 18.36 11.75
C LYS B 33 4.87 18.90 10.51
N VAL B 34 3.62 19.30 10.69
CA VAL B 34 2.84 19.82 9.59
C VAL B 34 2.52 21.30 9.77
N THR B 35 2.88 22.09 8.77
CA THR B 35 2.62 23.52 8.79
C THR B 35 1.40 23.67 7.89
N LYS B 36 0.28 24.12 8.45
CA LYS B 36 -0.93 24.26 7.66
C LYS B 36 -0.90 25.51 6.77
N GLN B 37 -1.75 25.52 5.74
CA GLN B 37 -1.80 26.65 4.81
C GLN B 37 -2.36 27.89 5.51
N ASP B 38 -1.87 29.04 5.09
CA ASP B 38 -2.26 30.33 5.65
C ASP B 38 -3.75 30.46 5.95
N GLN B 39 -4.62 30.31 4.95
CA GLN B 39 -6.05 30.47 5.22
C GLN B 39 -6.77 29.24 5.75
N THR B 40 -6.03 28.25 6.26
CA THR B 40 -6.68 27.06 6.79
C THR B 40 -7.43 27.51 8.04
N PRO B 41 -8.73 27.15 8.14
CA PRO B 41 -9.51 27.55 9.31
C PRO B 41 -8.76 27.13 10.56
N THR B 42 -8.74 28.00 11.57
CA THR B 42 -8.05 27.72 12.82
C THR B 42 -8.58 26.45 13.46
N ASN B 43 -7.66 25.61 13.96
CA ASN B 43 -8.05 24.36 14.61
C ASN B 43 -6.86 23.88 15.43
N ASP B 44 -6.92 24.10 16.74
CA ASP B 44 -5.83 23.65 17.61
C ASP B 44 -6.28 22.48 18.48
N LYS B 45 -7.39 21.87 18.12
CA LYS B 45 -7.90 20.74 18.89
C LYS B 45 -7.21 19.45 18.44
N ILE B 46 -6.16 19.08 19.16
CA ILE B 46 -5.44 17.86 18.80
C ILE B 46 -5.97 16.64 19.53
N CYS B 47 -5.45 15.48 19.17
CA CYS B 47 -5.86 14.22 19.79
C CYS B 47 -7.37 14.04 19.81
N GLN B 48 -8.05 14.38 18.72
CA GLN B 48 -9.50 14.23 18.67
C GLN B 48 -9.85 12.75 18.64
N SER B 49 -9.03 11.97 17.95
CA SER B 49 -9.27 10.53 17.88
C SER B 49 -8.11 9.78 17.26
N VAL B 50 -7.91 8.56 17.75
CA VAL B 50 -6.88 7.68 17.26
C VAL B 50 -7.56 6.36 16.98
N THR B 51 -7.44 5.88 15.76
CA THR B 51 -8.04 4.61 15.36
C THR B 51 -6.98 3.68 14.82
N GLU B 52 -6.89 2.50 15.41
CA GLU B 52 -5.90 1.50 15.02
C GLU B 52 -6.57 0.31 14.36
N VAL B 53 -6.02 -0.14 13.22
CA VAL B 53 -6.56 -1.28 12.51
C VAL B 53 -5.43 -2.12 11.94
N THR B 54 -5.47 -3.42 12.18
CA THR B 54 -4.43 -4.31 11.67
C THR B 54 -5.01 -5.37 10.75
N GLU B 55 -4.44 -5.50 9.57
CA GLU B 55 -4.92 -6.47 8.60
C GLU B 55 -4.87 -7.89 9.17
N SER B 56 -5.94 -8.64 8.94
CA SER B 56 -6.06 -10.03 9.36
C SER B 56 -6.50 -10.22 10.80
N GLU B 57 -6.76 -9.14 11.51
CA GLU B 57 -7.20 -9.21 12.89
C GLU B 57 -8.65 -9.70 12.94
N ASP B 58 -9.45 -9.37 11.92
CA ASP B 58 -10.84 -9.83 11.86
C ASP B 58 -10.83 -11.31 11.53
N GLU B 59 -11.66 -12.08 12.22
CA GLU B 59 -11.72 -13.53 12.02
C GLU B 59 -11.98 -13.96 10.59
N SER B 60 -12.63 -13.12 9.79
CA SER B 60 -12.92 -13.49 8.40
C SER B 60 -11.92 -12.94 7.39
N GLU B 61 -11.08 -12.00 7.80
CA GLU B 61 -10.12 -11.43 6.86
C GLU B 61 -8.76 -12.15 6.91
N GLU B 62 -8.32 -12.63 5.75
CA GLU B 62 -7.06 -13.35 5.64
C GLU B 62 -6.04 -12.67 4.72
N VAL B 63 -4.87 -12.38 5.26
CA VAL B 63 -3.80 -11.80 4.46
C VAL B 63 -3.09 -13.02 3.87
N VAL B 64 -3.19 -13.18 2.56
CA VAL B 64 -2.59 -14.32 1.86
C VAL B 64 -1.15 -14.05 1.44
N LYS B 65 -0.88 -12.86 0.90
CA LYS B 65 0.46 -12.52 0.49
C LYS B 65 0.80 -11.17 1.10
N GLY B 66 2.05 -11.02 1.51
CA GLY B 66 2.49 -9.78 2.11
C GLY B 66 2.43 -9.90 3.62
N ASP B 67 2.86 -8.86 4.32
CA ASP B 67 2.83 -8.87 5.77
C ASP B 67 1.70 -7.98 6.25
N PRO B 68 1.11 -8.28 7.42
CA PRO B 68 0.00 -7.50 7.97
C PRO B 68 0.36 -6.06 8.30
N THR B 69 -0.40 -5.13 7.73
CA THR B 69 -0.17 -3.72 7.97
C THR B 69 -1.06 -3.19 9.09
N THR B 70 -0.48 -2.41 9.99
CA THR B 70 -1.25 -1.80 11.07
C THR B 70 -1.43 -0.35 10.66
N TYR B 71 -2.67 0.11 10.62
CA TYR B 71 -2.97 1.50 10.24
C TYR B 71 -3.45 2.31 11.41
N TYR B 72 -2.96 3.55 11.51
CA TYR B 72 -3.38 4.45 12.56
C TYR B 72 -3.95 5.69 11.90
N THR B 73 -5.13 6.11 12.34
CA THR B 73 -5.77 7.31 11.84
C THR B 73 -5.78 8.28 13.01
N VAL B 74 -5.02 9.36 12.88
CA VAL B 74 -4.90 10.36 13.93
C VAL B 74 -5.52 11.68 13.53
N VAL B 75 -6.72 11.93 14.05
CA VAL B 75 -7.45 13.15 13.75
C VAL B 75 -7.15 14.22 14.78
N GLY B 76 -6.76 15.40 14.31
CA GLY B 76 -6.44 16.47 15.22
C GLY B 76 -5.89 17.69 14.52
N GLY B 77 -6.19 18.86 15.09
CA GLY B 77 -5.70 20.11 14.54
C GLY B 77 -6.13 20.45 13.13
N GLY B 78 -7.27 19.94 12.68
CA GLY B 78 -7.72 20.24 11.33
C GLY B 78 -7.13 19.29 10.30
N LEU B 79 -6.50 18.24 10.79
CA LEU B 79 -5.86 17.27 9.91
C LEU B 79 -6.19 15.83 10.31
N THR B 80 -6.12 14.94 9.32
CA THR B 80 -6.33 13.52 9.56
C THR B 80 -5.07 12.84 9.02
N MET B 81 -4.25 12.35 9.93
CA MET B 81 -3.00 11.68 9.56
C MET B 81 -3.15 10.16 9.55
N ASP B 82 -3.08 9.57 8.37
CA ASP B 82 -3.19 8.12 8.25
C ASP B 82 -1.82 7.49 8.05
N PHE B 83 -1.44 6.63 8.98
CA PHE B 83 -0.17 5.94 8.91
C PHE B 83 -0.39 4.45 8.67
N GLY B 84 0.55 3.84 7.95
CA GLY B 84 0.48 2.42 7.69
C GLY B 84 1.86 1.86 8.00
N PHE B 85 1.93 0.98 8.99
CA PHE B 85 3.20 0.37 9.38
C PHE B 85 3.19 -1.11 9.05
N THR B 86 4.19 -1.54 8.28
CA THR B 86 4.32 -2.93 7.89
C THR B 86 5.73 -3.41 8.25
N LYS B 87 5.80 -4.51 9.00
CA LYS B 87 7.09 -5.09 9.38
C LYS B 87 7.85 -4.20 10.35
N CYS B 88 7.14 -3.38 11.12
CA CYS B 88 7.80 -2.48 12.05
C CYS B 88 7.53 -2.81 13.51
N PRO B 89 8.39 -2.31 14.40
CA PRO B 89 8.20 -2.56 15.83
C PRO B 89 6.85 -1.96 16.17
N LYS B 90 6.22 -2.47 17.22
CA LYS B 90 4.91 -1.99 17.62
C LYS B 90 4.88 -0.56 18.16
N ILE B 91 3.82 0.16 17.81
CA ILE B 91 3.61 1.54 18.24
C ILE B 91 2.77 1.45 19.51
N SER B 92 3.26 2.06 20.59
CA SER B 92 2.53 2.03 21.87
C SER B 92 2.31 3.43 22.47
N SER B 93 2.78 4.46 21.77
CA SER B 93 2.63 5.83 22.23
C SER B 93 2.32 6.76 21.06
N ILE B 94 1.25 7.53 21.19
CA ILE B 94 0.84 8.46 20.16
C ILE B 94 0.51 9.78 20.83
N SER B 95 1.16 10.85 20.39
CA SER B 95 0.92 12.15 21.00
C SER B 95 0.93 13.28 19.99
N GLU B 96 0.42 14.42 20.42
CA GLU B 96 0.34 15.60 19.56
C GLU B 96 0.36 16.89 20.36
N TYR B 97 0.56 17.99 19.64
CA TYR B 97 0.51 19.30 20.22
C TYR B 97 0.44 20.29 19.07
N SER B 98 -0.30 21.37 19.31
CA SER B 98 -0.52 22.42 18.33
C SER B 98 0.31 23.62 18.74
N ASP B 99 0.92 24.27 17.76
CA ASP B 99 1.75 25.45 18.01
C ASP B 99 1.54 26.35 16.79
N GLY B 100 0.76 27.43 16.97
CA GLY B 100 0.50 28.32 15.85
C GLY B 100 -0.22 27.58 14.73
N ASN B 101 0.31 27.69 13.51
CA ASN B 101 -0.30 27.03 12.35
C ASN B 101 0.30 25.63 12.16
N THR B 102 0.95 25.10 13.18
CA THR B 102 1.57 23.78 13.06
C THR B 102 0.99 22.73 13.98
N VAL B 103 0.90 21.51 13.47
CA VAL B 103 0.42 20.37 14.24
C VAL B 103 1.58 19.40 14.25
N ASN B 104 2.01 19.01 15.46
CA ASN B 104 3.12 18.10 15.61
C ASN B 104 2.67 16.79 16.25
N ALA B 105 3.24 15.70 15.79
CA ALA B 105 2.86 14.39 16.31
C ALA B 105 4.05 13.46 16.42
N ARG B 106 3.95 12.52 17.34
CA ARG B 106 4.99 11.55 17.57
C ARG B 106 4.35 10.19 17.86
N LEU B 107 4.68 9.21 17.03
CA LEU B 107 4.18 7.85 17.20
C LEU B 107 5.41 6.98 17.41
N SER B 108 5.40 6.19 18.47
CA SER B 108 6.57 5.37 18.73
C SER B 108 6.36 4.16 19.61
N SER B 109 7.38 3.30 19.63
CA SER B 109 7.39 2.13 20.48
C SER B 109 7.73 2.72 21.85
N VAL B 110 7.59 1.91 22.91
CA VAL B 110 7.91 2.38 24.25
C VAL B 110 9.06 1.54 24.81
N SER B 111 10.06 2.22 25.37
CA SER B 111 11.22 1.55 25.94
C SER B 111 10.85 0.81 27.23
N PRO B 112 11.53 -0.30 27.51
CA PRO B 112 11.30 -1.13 28.70
C PRO B 112 11.21 -0.37 30.02
N GLY B 113 10.41 -0.88 30.94
CA GLY B 113 10.26 -0.26 32.24
C GLY B 113 9.17 0.78 32.34
N GLN B 114 8.28 0.83 31.36
CA GLN B 114 7.19 1.80 31.35
C GLN B 114 5.80 1.19 31.31
N GLY B 115 5.69 -0.09 31.63
CA GLY B 115 4.39 -0.75 31.63
C GLY B 115 3.89 -1.26 30.29
N LYS B 116 4.67 -1.02 29.24
CA LYS B 116 4.30 -1.48 27.90
C LYS B 116 5.21 -2.61 27.47
N ASP B 117 4.65 -3.56 26.75
CA ASP B 117 5.43 -4.68 26.26
C ASP B 117 6.47 -4.11 25.31
N SER B 118 7.71 -4.45 25.55
CA SER B 118 8.84 -4.00 24.74
C SER B 118 9.71 -5.23 24.42
N PRO B 119 9.21 -6.11 23.55
CA PRO B 119 9.91 -7.33 23.13
C PRO B 119 11.32 -7.12 22.60
N ALA B 120 12.22 -8.03 22.99
CA ALA B 120 13.60 -7.96 22.55
C ALA B 120 13.75 -9.04 21.49
N ILE B 121 14.44 -8.71 20.41
CA ILE B 121 14.66 -9.68 19.33
C ILE B 121 16.14 -9.85 19.09
N THR B 122 16.47 -10.89 18.33
CA THR B 122 17.87 -11.17 18.02
C THR B 122 18.42 -10.14 17.05
N ARG B 123 19.75 -10.03 17.01
CA ARG B 123 20.42 -9.10 16.12
C ARG B 123 20.06 -9.42 14.68
N GLU B 124 19.92 -10.70 14.40
CA GLU B 124 19.58 -11.19 13.07
C GLU B 124 18.23 -10.65 12.67
N GLU B 125 17.25 -10.85 13.54
CA GLU B 125 15.90 -10.39 13.27
C GLU B 125 15.87 -8.87 13.16
N ALA B 126 16.70 -8.21 13.95
CA ALA B 126 16.78 -6.76 13.94
C ALA B 126 17.24 -6.27 12.57
N LEU B 127 18.32 -6.88 12.06
CA LEU B 127 18.88 -6.51 10.77
C LEU B 127 17.87 -6.68 9.63
N SER B 128 16.98 -7.65 9.75
CA SER B 128 15.96 -7.89 8.72
C SER B 128 14.84 -6.85 8.85
N MET B 129 14.36 -6.68 10.07
CA MET B 129 13.29 -5.72 10.34
C MET B 129 13.67 -4.32 9.89
N ILE B 130 14.94 -3.94 10.11
CA ILE B 130 15.42 -2.62 9.72
C ILE B 130 15.29 -2.39 8.21
N LYS B 131 15.53 -3.45 7.45
CA LYS B 131 15.43 -3.38 5.99
C LYS B 131 13.98 -3.47 5.52
N ASP B 132 13.19 -4.29 6.21
CA ASP B 132 11.80 -4.51 5.84
C ASP B 132 10.77 -3.47 6.28
N CYS B 133 10.87 -3.01 7.52
CA CYS B 133 9.92 -2.02 8.04
C CYS B 133 9.66 -0.89 7.05
N GLU B 134 8.39 -0.60 6.83
CA GLU B 134 7.99 0.46 5.92
C GLU B 134 6.79 1.21 6.47
N MET B 135 6.81 2.53 6.37
CA MET B 135 5.71 3.35 6.86
C MET B 135 5.16 4.25 5.77
N SER B 136 3.84 4.19 5.56
CA SER B 136 3.19 5.04 4.57
C SER B 136 2.48 6.15 5.35
N ILE B 137 2.33 7.30 4.71
CA ILE B 137 1.65 8.42 5.36
C ILE B 137 0.74 9.12 4.36
N ASN B 138 -0.44 9.50 4.82
CA ASN B 138 -1.42 10.19 3.99
C ASN B 138 -2.06 11.23 4.90
N ILE B 139 -1.74 12.50 4.67
CA ILE B 139 -2.29 13.58 5.48
C ILE B 139 -3.36 14.33 4.71
N LYS B 140 -4.58 14.25 5.22
CA LYS B 140 -5.71 14.91 4.58
C LYS B 140 -6.24 16.00 5.47
N CYS B 141 -7.14 16.81 4.92
CA CYS B 141 -7.76 17.89 5.67
C CYS B 141 -8.85 17.26 6.53
N SER B 142 -9.10 17.89 7.66
CA SER B 142 -10.14 17.42 8.56
C SER B 142 -11.00 18.61 8.94
N GLU B 143 -12.31 18.41 8.98
CA GLU B 143 -13.22 19.48 9.37
C GLU B 143 -13.75 19.14 10.76
N GLU B 144 -13.17 18.11 11.36
CA GLU B 144 -13.58 17.67 12.70
C GLU B 144 -13.39 18.80 13.70
N GLU B 145 -14.44 19.13 14.45
CA GLU B 145 -14.31 20.16 15.44
C GLU B 145 -14.61 19.66 16.85
N LYS B 146 -14.56 18.35 17.03
CA LYS B 146 -14.83 17.78 18.33
C LYS B 146 -13.69 18.14 19.29
N ASP B 147 -14.00 18.08 20.58
CA ASP B 147 -13.01 18.38 21.63
C ASP B 147 -11.91 17.35 21.64
N SER B 148 -10.76 17.74 22.15
CA SER B 148 -9.63 16.83 22.25
C SER B 148 -9.93 15.73 23.27
N ASN B 149 -9.44 14.52 23.00
CA ASN B 149 -9.62 13.38 23.89
C ASN B 149 -8.20 13.01 24.27
N ILE B 150 -7.67 13.70 25.27
CA ILE B 150 -6.31 13.46 25.70
C ILE B 150 -6.16 12.80 27.05
N LYS B 151 -4.98 12.23 27.22
CA LYS B 151 -4.61 11.57 28.45
C LYS B 151 -3.72 12.54 29.19
N THR B 152 -3.89 12.47 30.47
CA THR B 152 -3.19 13.30 31.47
C THR B 152 -1.72 12.91 31.72
N HIS B 153 -1.46 11.63 31.87
CA HIS B 153 -0.13 11.10 32.10
C HIS B 153 0.89 11.60 31.10
N PRO B 154 2.17 11.70 31.53
CA PRO B 154 3.21 12.16 30.60
C PRO B 154 3.29 11.18 29.41
N VAL B 155 3.82 11.65 28.29
CA VAL B 155 3.94 10.82 27.08
C VAL B 155 5.05 9.78 27.27
N LEU B 156 4.73 8.51 27.00
CA LEU B 156 5.72 7.46 27.14
C LEU B 156 6.67 7.51 25.95
N GLY B 157 7.98 7.45 26.22
CA GLY B 157 8.98 7.53 25.17
C GLY B 157 9.63 6.22 24.75
N SER B 158 10.34 6.27 23.64
CA SER B 158 11.03 5.12 23.06
C SER B 158 12.52 5.13 23.43
N ASN B 159 12.99 6.27 23.90
CA ASN B 159 14.38 6.45 24.28
C ASN B 159 15.28 6.41 23.03
N ILE B 160 14.71 6.71 21.88
CA ILE B 160 15.46 6.73 20.63
C ILE B 160 15.69 8.18 20.22
N SER B 161 16.95 8.55 20.01
CA SER B 161 17.31 9.92 19.63
C SER B 161 17.30 10.12 18.12
N HIS B 162 16.71 11.23 17.66
CA HIS B 162 16.64 11.51 16.23
C HIS B 162 17.89 12.19 15.66
N LYS B 163 19.04 11.83 16.22
CA LYS B 163 20.32 12.35 15.76
C LYS B 163 20.60 11.68 14.42
N LYS B 164 21.59 12.19 13.69
CA LYS B 164 21.95 11.61 12.40
C LYS B 164 22.56 10.22 12.61
N VAL B 165 22.03 9.24 11.90
CA VAL B 165 22.55 7.88 11.93
C VAL B 165 22.34 7.33 10.54
N SER B 166 22.87 6.14 10.29
CA SER B 166 22.77 5.50 8.98
C SER B 166 21.40 5.63 8.34
N TYR B 167 21.38 6.13 7.11
CA TYR B 167 20.14 6.29 6.37
C TYR B 167 19.58 4.93 5.94
N GLU B 168 18.26 4.84 5.91
CA GLU B 168 17.57 3.63 5.47
C GLU B 168 16.25 4.08 4.86
N ASP B 169 15.87 3.46 3.74
CA ASP B 169 14.64 3.80 3.06
C ASP B 169 13.48 3.17 3.84
N ILE B 170 12.89 3.94 4.76
CA ILE B 170 11.80 3.44 5.58
C ILE B 170 10.45 4.02 5.14
N ILE B 171 10.44 5.33 4.91
CA ILE B 171 9.22 6.03 4.51
C ILE B 171 8.81 5.64 3.10
N GLY B 172 7.58 5.15 2.96
CA GLY B 172 7.11 4.76 1.64
C GLY B 172 6.22 5.83 1.05
N SER B 173 5.05 5.41 0.59
CA SER B 173 4.07 6.31 -0.02
C SER B 173 3.75 7.48 0.90
N THR B 174 3.95 8.69 0.39
CA THR B 174 3.67 9.91 1.16
C THR B 174 2.76 10.79 0.33
N ILE B 175 1.54 10.99 0.81
CA ILE B 175 0.55 11.80 0.10
C ILE B 175 -0.01 12.90 1.00
N VAL B 176 -0.24 14.07 0.43
CA VAL B 176 -0.77 15.17 1.22
C VAL B 176 -1.85 15.94 0.47
N ASP B 177 -2.71 16.60 1.22
CA ASP B 177 -3.76 17.43 0.63
C ASP B 177 -3.29 18.86 0.81
N THR B 178 -2.81 19.45 -0.28
CA THR B 178 -2.28 20.81 -0.26
C THR B 178 -3.28 21.88 0.20
N LYS B 179 -4.56 21.55 0.24
CA LYS B 179 -5.55 22.54 0.67
C LYS B 179 -5.25 22.93 2.12
N CYS B 180 -4.74 21.98 2.91
CA CYS B 180 -4.41 22.24 4.29
C CYS B 180 -2.94 22.07 4.62
N VAL B 181 -2.26 21.22 3.86
CA VAL B 181 -0.85 20.99 4.10
C VAL B 181 0.06 21.89 3.26
N LYS B 182 0.83 22.74 3.93
CA LYS B 182 1.75 23.64 3.26
C LYS B 182 3.15 23.02 3.32
N ASN B 183 3.59 22.71 4.54
CA ASN B 183 4.89 22.08 4.76
C ASN B 183 4.67 20.77 5.52
N LEU B 184 5.56 19.81 5.28
CA LEU B 184 5.52 18.52 5.94
C LEU B 184 6.95 18.08 6.18
N GLU B 185 7.32 17.93 7.45
CA GLU B 185 8.66 17.49 7.79
C GLU B 185 8.50 16.23 8.63
N ILE B 186 9.24 15.20 8.26
CA ILE B 186 9.14 13.92 8.94
C ILE B 186 10.51 13.30 9.19
N SER B 187 10.61 12.61 10.31
CA SER B 187 11.83 11.92 10.68
C SER B 187 11.40 10.58 11.26
N VAL B 188 12.04 9.51 10.81
CA VAL B 188 11.74 8.18 11.30
C VAL B 188 13.03 7.48 11.73
N ARG B 189 13.05 6.99 12.96
CA ARG B 189 14.20 6.30 13.49
C ARG B 189 13.85 4.89 13.97
N ILE B 190 14.73 3.95 13.68
CA ILE B 190 14.57 2.58 14.12
C ILE B 190 15.84 2.31 14.89
N GLY B 191 15.72 1.79 16.11
CA GLY B 191 16.93 1.53 16.88
C GLY B 191 16.71 0.81 18.18
N ASP B 192 17.81 0.56 18.88
CA ASP B 192 17.82 -0.12 20.17
C ASP B 192 17.37 0.87 21.23
N MET B 193 16.24 0.58 21.87
CA MET B 193 15.68 1.46 22.88
C MET B 193 16.35 1.44 24.24
N CYS B 194 17.35 0.58 24.41
CA CYS B 194 18.05 0.49 25.69
C CYS B 194 19.46 1.05 25.63
N LYS B 195 20.09 0.88 24.47
CA LYS B 195 21.44 1.35 24.26
C LYS B 195 21.67 1.35 22.76
N GLU B 196 22.10 2.49 22.22
CA GLU B 196 22.33 2.55 20.78
C GLU B 196 23.32 1.45 20.45
N SER B 197 22.96 0.62 19.47
CA SER B 197 23.79 -0.50 19.09
C SER B 197 24.21 -0.55 17.64
N SER B 198 25.20 -1.39 17.45
CA SER B 198 25.89 -1.75 16.23
C SER B 198 25.36 -1.15 14.93
N GLU B 199 24.97 -2.00 14.00
CA GLU B 199 24.41 -1.52 12.73
C GLU B 199 22.93 -1.71 12.94
N LEU B 200 22.45 -1.20 14.07
CA LEU B 200 21.07 -1.34 14.48
C LEU B 200 20.34 0.00 14.62
N GLU B 201 21.00 1.07 14.20
CA GLU B 201 20.44 2.42 14.28
C GLU B 201 20.32 3.03 12.88
N VAL B 202 19.09 3.22 12.43
CA VAL B 202 18.87 3.80 11.12
C VAL B 202 17.89 4.97 11.18
N LYS B 203 17.87 5.78 10.13
CA LYS B 203 17.00 6.94 10.09
C LYS B 203 16.60 7.33 8.68
N ASP B 204 15.36 7.75 8.52
CA ASP B 204 14.88 8.22 7.24
C ASP B 204 14.24 9.56 7.56
N GLY B 205 13.83 10.29 6.54
CA GLY B 205 13.21 11.58 6.75
C GLY B 205 13.31 12.46 5.54
N PHE B 206 12.41 13.43 5.46
CA PHE B 206 12.42 14.37 4.34
C PHE B 206 11.73 15.65 4.75
N LYS B 207 11.86 16.64 3.88
CA LYS B 207 11.27 17.95 4.10
C LYS B 207 10.50 18.35 2.86
N TYR B 208 9.23 18.71 3.05
CA TYR B 208 8.38 19.16 1.96
C TYR B 208 7.98 20.58 2.33
N VAL B 209 8.51 21.55 1.57
CA VAL B 209 8.20 22.95 1.84
C VAL B 209 7.47 23.58 0.67
N ASP B 210 6.21 23.94 0.90
CA ASP B 210 5.36 24.58 -0.10
C ASP B 210 5.55 23.95 -1.48
N GLY B 211 5.51 22.62 -1.56
CA GLY B 211 5.64 21.93 -2.84
C GLY B 211 6.98 21.28 -3.17
N SER B 212 8.06 21.73 -2.55
CA SER B 212 9.40 21.19 -2.83
C SER B 212 9.90 20.23 -1.76
N ALA B 213 10.19 19.01 -2.19
CA ALA B 213 10.68 17.97 -1.28
C ALA B 213 12.20 17.74 -1.36
N SER B 214 12.81 17.58 -0.18
CA SER B 214 14.25 17.34 -0.02
C SER B 214 14.49 16.17 0.97
N GLU B 215 15.53 15.37 0.72
CA GLU B 215 15.91 14.22 1.55
C GLU B 215 17.31 14.32 2.19
N ASP B 216 17.78 15.54 2.40
CA ASP B 216 19.06 15.77 3.02
C ASP B 216 19.06 15.31 4.48
N ALA B 217 20.05 14.52 4.87
CA ALA B 217 20.16 14.05 6.24
C ALA B 217 20.26 15.24 7.19
N ALA B 218 19.67 15.09 8.36
CA ALA B 218 19.69 16.15 9.33
C ALA B 218 19.42 15.65 10.73
N ASP B 219 19.93 16.40 11.67
CA ASP B 219 19.74 16.12 13.09
C ASP B 219 18.32 16.64 13.37
N ASP B 220 17.42 15.74 13.70
CA ASP B 220 16.04 16.11 13.98
C ASP B 220 15.69 15.95 15.45
N THR B 221 16.70 15.99 16.32
CA THR B 221 16.45 15.84 17.75
C THR B 221 15.56 16.97 18.26
N SER B 222 15.47 18.05 17.49
CA SER B 222 14.64 19.19 17.87
C SER B 222 13.67 19.62 16.76
N LEU B 223 13.38 18.71 15.83
CA LEU B 223 12.44 19.01 14.76
C LEU B 223 11.15 19.54 15.37
N ILE B 224 10.72 18.90 16.45
CA ILE B 224 9.55 19.34 17.20
C ILE B 224 10.01 19.42 18.66
N ASN B 225 9.18 20.01 19.51
CA ASN B 225 9.53 20.13 20.92
C ASN B 225 8.77 19.06 21.69
N SER B 226 9.41 17.91 21.89
CA SER B 226 8.79 16.78 22.57
C SER B 226 8.24 17.09 23.97
N ALA B 227 8.78 18.13 24.60
CA ALA B 227 8.33 18.51 25.94
C ALA B 227 6.88 18.97 25.90
N LYS B 228 6.42 19.40 24.74
CA LYS B 228 5.05 19.88 24.56
C LYS B 228 4.05 18.80 24.15
N LEU B 229 4.53 17.61 23.81
CA LEU B 229 3.64 16.53 23.37
C LEU B 229 2.58 16.15 24.41
N ILE B 230 1.35 15.95 23.94
CA ILE B 230 0.24 15.56 24.79
C ILE B 230 -0.23 14.18 24.35
N ALA B 231 -0.35 13.26 25.29
CA ALA B 231 -0.76 11.89 24.97
C ALA B 231 -2.20 11.82 24.46
N CYS B 232 -2.35 11.21 23.29
CA CYS B 232 -3.64 11.02 22.64
C CYS B 232 -4.24 9.70 23.15
N VAL B 233 -5.55 9.67 23.35
CA VAL B 233 -6.18 8.44 23.83
C VAL B 233 -6.59 7.55 22.65
#